data_3QGY
#
_entry.id   3QGY
#
_cell.length_a   125.8601
_cell.length_b   74.3809
_cell.length_c   78.8330
_cell.angle_alpha   90.0000
_cell.angle_beta   93.9867
_cell.angle_gamma   90.0000
#
_symmetry.space_group_name_H-M   'C 1 2 1'
#
loop_
_entity.id
_entity.type
_entity.pdbx_description
1 polymer 'Tyrosine-protein kinase ITK/TSK'
2 non-polymer 3-[(8-phenylthieno[2,3-h]quinazolin-2-yl)amino]benzenesulfonamide
3 non-polymer N-{5-[2-(methylamino)pyrimidin-4-yl]-2-oxo-1,2-dihydropyridin-3-yl}-4-(piperidin-1-yl)benzamide
4 water water
#
_entity_poly.entity_id   1
_entity_poly.type   'polypeptide(L)'
_entity_poly.pdbx_seq_one_letter_code
;MGSSHHHHHHSSGLVPRGSLHMVIDPSELTFVQEIGSGQFGLVHLGYWLNKDKVAIKTIKEGSMSEDDFIEEAEVMMKLS
HPKLVQLYGVCLEQAPICLVFEFMEHGCLSDYLRTQRGLFAAETLLGMCLDVCEGMAYLEEACVIHRDLAARNCLVGENQ
VIKVSDFGMTRFVLDDQYTSSTGTKFPVKWASPEVFSFSRYSSKSDVWSFGVLMWEVFSEGKIPYENRSNSEVVEDISTG
FRLYKPRLASTHVYQIMNHCWKERPEDRPAFSRLLRQLAEIAESGL
;
_entity_poly.pdbx_strand_id   A,B
#
loop_
_chem_comp.id
_chem_comp.type
_chem_comp.name
_chem_comp.formula
L7O non-polymer N-{5-[2-(methylamino)pyrimidin-4-yl]-2-oxo-1,2-dihydropyridin-3-yl}-4-(piperidin-1-yl)benzamide 'C22 H24 N6 O2'
PQC non-polymer 3-[(8-phenylthieno[2,3-h]quinazolin-2-yl)amino]benzenesulfonamide 'C22 H16 N4 O2 S2'
#
# COMPACT_ATOMS: atom_id res chain seq x y z
N HIS A 21 33.91 -23.94 -12.11
CA HIS A 21 33.25 -24.53 -13.29
C HIS A 21 32.28 -25.65 -12.94
N MET A 22 31.94 -25.73 -11.65
CA MET A 22 31.03 -26.73 -11.12
C MET A 22 30.29 -27.64 -12.12
N VAL A 23 30.91 -28.75 -12.50
CA VAL A 23 30.36 -29.74 -13.41
C VAL A 23 30.53 -29.48 -14.90
N ILE A 24 31.46 -30.21 -15.52
CA ILE A 24 31.69 -30.07 -16.94
C ILE A 24 31.03 -31.26 -17.66
N ASP A 25 30.26 -30.96 -18.70
CA ASP A 25 29.54 -31.95 -19.50
C ASP A 25 30.25 -32.36 -20.79
N PRO A 26 30.29 -33.67 -21.10
CA PRO A 26 30.94 -34.18 -22.33
C PRO A 26 30.01 -34.28 -23.54
N SER A 27 29.20 -35.33 -23.56
CA SER A 27 28.28 -35.59 -24.65
C SER A 27 27.13 -36.45 -24.14
N GLU A 28 26.62 -36.10 -22.97
CA GLU A 28 25.51 -36.81 -22.35
C GLU A 28 24.32 -35.94 -22.73
N LEU A 29 24.53 -35.13 -23.78
CA LEU A 29 23.54 -34.21 -24.28
C LEU A 29 22.90 -34.66 -25.58
N THR A 30 21.58 -34.53 -25.64
CA THR A 30 20.82 -34.89 -26.82
C THR A 30 20.26 -33.57 -27.33
N PHE A 31 20.69 -33.15 -28.51
CA PHE A 31 20.16 -31.91 -29.09
C PHE A 31 18.91 -32.26 -29.89
N VAL A 32 17.76 -31.74 -29.46
CA VAL A 32 16.48 -32.01 -30.10
C VAL A 32 16.10 -31.07 -31.26
N GLN A 33 16.06 -29.76 -30.99
CA GLN A 33 15.74 -28.74 -31.99
C GLN A 33 16.35 -27.40 -31.54
N GLU A 34 16.67 -26.51 -32.48
CA GLU A 34 17.23 -25.23 -32.09
C GLU A 34 16.11 -24.25 -31.86
N ILE A 35 16.37 -23.31 -30.95
CA ILE A 35 15.35 -22.34 -30.63
C ILE A 35 15.61 -20.85 -30.62
N GLY A 36 16.89 -20.57 -30.90
CA GLY A 36 17.51 -19.27 -30.92
C GLY A 36 18.85 -19.15 -31.74
N SER A 37 19.36 -17.92 -32.02
CA SER A 37 20.63 -17.70 -32.74
C SER A 37 21.05 -16.24 -32.71
N GLY A 38 22.21 -15.97 -33.31
CA GLY A 38 22.77 -14.62 -33.38
C GLY A 38 24.22 -14.76 -32.99
N GLN A 39 25.15 -14.57 -33.93
CA GLN A 39 26.57 -14.73 -33.65
C GLN A 39 26.82 -14.60 -32.16
N PHE A 40 27.18 -15.73 -31.59
CA PHE A 40 27.45 -15.91 -30.18
C PHE A 40 27.22 -17.40 -30.14
N GLY A 41 26.26 -17.85 -30.95
CA GLY A 41 25.95 -19.25 -31.01
C GLY A 41 24.50 -19.57 -31.32
N LEU A 42 24.12 -20.79 -31.01
CA LEU A 42 22.76 -21.25 -31.23
C LEU A 42 22.19 -21.74 -29.91
N VAL A 43 20.88 -21.80 -29.81
CA VAL A 43 20.26 -22.31 -28.59
C VAL A 43 19.46 -23.52 -28.99
N HIS A 44 19.54 -24.56 -28.17
CA HIS A 44 18.85 -25.81 -28.45
C HIS A 44 18.04 -26.36 -27.30
N LEU A 45 16.90 -26.96 -27.62
CA LEU A 45 16.12 -27.63 -26.61
C LEU A 45 16.83 -28.99 -26.61
N GLY A 46 17.18 -29.52 -25.45
CA GLY A 46 17.86 -30.80 -25.43
C GLY A 46 17.57 -31.58 -24.18
N TYR A 47 18.31 -32.67 -23.99
CA TYR A 47 18.17 -33.53 -22.82
C TYR A 47 19.54 -33.99 -22.35
N TRP A 48 19.75 -33.95 -21.05
CA TRP A 48 21.00 -34.39 -20.49
C TRP A 48 20.75 -35.75 -19.84
N LEU A 49 21.60 -36.71 -20.16
CA LEU A 49 21.46 -38.06 -19.62
C LEU A 49 20.08 -38.64 -19.96
N ASN A 50 19.59 -38.33 -21.16
CA ASN A 50 18.29 -38.85 -21.65
C ASN A 50 17.17 -38.61 -20.68
N LYS A 51 17.32 -37.63 -19.81
CA LYS A 51 16.33 -37.39 -18.79
C LYS A 51 15.96 -35.94 -18.57
N ASP A 52 16.93 -35.10 -18.25
CA ASP A 52 16.63 -33.70 -17.96
C ASP A 52 16.51 -32.82 -19.18
N LYS A 53 15.35 -32.20 -19.33
CA LYS A 53 15.08 -31.30 -20.44
C LYS A 53 15.91 -30.05 -20.16
N VAL A 54 16.66 -29.59 -21.15
CA VAL A 54 17.52 -28.45 -20.96
C VAL A 54 17.56 -27.57 -22.20
N ALA A 55 18.07 -26.35 -22.03
CA ALA A 55 18.25 -25.43 -23.16
C ALA A 55 19.76 -25.32 -23.25
N ILE A 56 20.32 -25.78 -24.36
CA ILE A 56 21.76 -25.76 -24.55
C ILE A 56 22.23 -24.58 -25.38
N LYS A 57 23.03 -23.71 -24.78
CA LYS A 57 23.54 -22.55 -25.51
C LYS A 57 24.95 -22.88 -26.00
N THR A 58 25.11 -22.97 -27.32
CA THR A 58 26.41 -23.28 -27.91
C THR A 58 26.99 -21.98 -28.44
N ILE A 59 28.31 -21.86 -28.45
CA ILE A 59 28.92 -20.64 -28.92
C ILE A 59 29.65 -20.82 -30.25
N LYS A 60 29.38 -19.92 -31.21
CA LYS A 60 30.01 -19.99 -32.51
C LYS A 60 31.51 -19.86 -32.35
N GLU A 61 32.24 -20.76 -32.98
CA GLU A 61 33.69 -20.75 -32.91
C GLU A 61 34.20 -19.35 -33.26
N GLY A 62 35.06 -18.80 -32.40
CA GLY A 62 35.60 -17.48 -32.63
C GLY A 62 34.57 -16.37 -32.55
N SER A 63 33.61 -16.51 -31.64
CA SER A 63 32.57 -15.50 -31.49
C SER A 63 32.62 -14.95 -30.08
N MET A 64 33.61 -15.42 -29.33
CA MET A 64 33.79 -15.00 -27.94
C MET A 64 35.14 -15.58 -27.52
N SER A 65 35.96 -14.76 -26.88
CA SER A 65 37.27 -15.24 -26.44
C SER A 65 37.00 -16.33 -25.43
N GLU A 66 37.96 -17.22 -25.24
CA GLU A 66 37.80 -18.30 -24.30
C GLU A 66 37.74 -17.79 -22.86
N ASP A 67 38.53 -16.77 -22.52
CA ASP A 67 38.45 -16.29 -21.15
C ASP A 67 37.14 -15.55 -20.87
N ASP A 68 36.47 -15.06 -21.91
CA ASP A 68 35.20 -14.39 -21.71
C ASP A 68 34.15 -15.44 -21.40
N PHE A 69 34.17 -16.52 -22.16
CA PHE A 69 33.22 -17.59 -21.92
C PHE A 69 33.46 -18.16 -20.53
N ILE A 70 34.71 -18.50 -20.26
CA ILE A 70 35.09 -19.07 -18.97
C ILE A 70 34.71 -18.18 -17.80
N GLU A 71 35.14 -16.93 -17.83
CA GLU A 71 34.82 -16.04 -16.73
C GLU A 71 33.33 -15.74 -16.61
N GLU A 72 32.61 -15.86 -17.71
CA GLU A 72 31.17 -15.60 -17.72
C GLU A 72 30.41 -16.75 -17.07
N ALA A 73 30.76 -17.97 -17.45
CA ALA A 73 30.12 -19.16 -16.92
C ALA A 73 30.32 -19.28 -15.42
N GLU A 74 31.52 -18.96 -14.93
CA GLU A 74 31.81 -19.05 -13.50
C GLU A 74 30.92 -18.10 -12.70
N VAL A 75 30.67 -16.93 -13.28
CA VAL A 75 29.83 -15.93 -12.64
C VAL A 75 28.39 -16.42 -12.55
N MET A 76 27.86 -16.97 -13.64
CA MET A 76 26.50 -17.47 -13.65
C MET A 76 26.28 -18.67 -12.75
N MET A 77 27.34 -19.44 -12.48
CA MET A 77 27.23 -20.63 -11.63
C MET A 77 27.44 -20.29 -10.16
N LYS A 78 27.98 -19.11 -9.91
CA LYS A 78 28.24 -18.62 -8.56
C LYS A 78 26.98 -17.95 -8.05
N LEU A 79 26.13 -17.51 -8.97
CA LEU A 79 24.89 -16.84 -8.62
C LEU A 79 23.77 -17.85 -8.48
N SER A 80 23.00 -17.74 -7.40
CA SER A 80 21.91 -18.68 -7.14
C SER A 80 20.70 -18.06 -6.44
N HIS A 81 19.55 -18.05 -7.13
CA HIS A 81 18.31 -17.53 -6.55
C HIS A 81 17.10 -18.21 -7.21
N PRO A 82 16.03 -18.47 -6.45
CA PRO A 82 14.85 -19.12 -7.02
C PRO A 82 14.27 -18.44 -8.26
N LYS A 83 14.55 -17.14 -8.41
CA LYS A 83 14.06 -16.38 -9.56
C LYS A 83 15.13 -16.13 -10.63
N LEU A 84 16.26 -16.84 -10.54
CA LEU A 84 17.33 -16.74 -11.53
C LEU A 84 17.43 -18.12 -12.18
N VAL A 85 17.47 -18.16 -13.52
CA VAL A 85 17.56 -19.44 -14.22
C VAL A 85 18.84 -20.21 -13.81
N GLN A 86 18.67 -21.51 -13.54
CA GLN A 86 19.80 -22.35 -13.15
C GLN A 86 20.51 -23.07 -14.29
N LEU A 87 21.79 -23.31 -14.06
CA LEU A 87 22.67 -23.94 -15.02
C LEU A 87 22.96 -25.37 -14.53
N TYR A 88 22.93 -26.34 -15.44
CA TYR A 88 23.24 -27.71 -15.06
C TYR A 88 24.75 -27.91 -15.13
N GLY A 89 25.39 -27.12 -16.00
CA GLY A 89 26.83 -27.20 -16.16
C GLY A 89 27.26 -26.58 -17.48
N VAL A 90 28.48 -26.90 -17.91
CA VAL A 90 29.00 -26.38 -19.17
C VAL A 90 29.79 -27.44 -19.92
N CYS A 91 29.98 -27.22 -21.21
CA CYS A 91 30.76 -28.13 -22.04
C CYS A 91 31.92 -27.30 -22.54
N LEU A 92 33.14 -27.73 -22.28
CA LEU A 92 34.28 -26.96 -22.75
C LEU A 92 35.47 -27.76 -23.27
N GLU A 93 35.33 -29.08 -23.30
CA GLU A 93 36.38 -29.94 -23.82
C GLU A 93 36.51 -29.60 -25.31
N GLN A 94 35.67 -28.66 -25.74
CA GLN A 94 35.59 -28.18 -27.13
C GLN A 94 34.80 -29.17 -28.00
N ALA A 95 33.77 -28.68 -28.68
CA ALA A 95 32.94 -29.54 -29.54
C ALA A 95 31.68 -28.97 -30.23
N PRO A 96 31.40 -27.63 -30.16
CA PRO A 96 32.11 -26.50 -29.56
C PRO A 96 31.65 -26.27 -28.12
N ILE A 97 32.07 -25.15 -27.55
CA ILE A 97 31.71 -24.83 -26.17
C ILE A 97 30.23 -24.52 -26.01
N CYS A 98 29.71 -24.75 -24.81
CA CYS A 98 28.30 -24.49 -24.56
C CYS A 98 27.97 -24.43 -23.08
N LEU A 99 26.80 -23.90 -22.78
CA LEU A 99 26.29 -23.77 -21.43
C LEU A 99 25.00 -24.56 -21.40
N VAL A 100 24.76 -25.27 -20.31
CA VAL A 100 23.56 -26.10 -20.18
C VAL A 100 22.62 -25.62 -19.08
N PHE A 101 21.55 -24.94 -19.46
CA PHE A 101 20.61 -24.44 -18.47
C PHE A 101 19.44 -25.38 -18.26
N GLU A 102 18.68 -25.12 -17.21
CA GLU A 102 17.48 -25.89 -16.92
C GLU A 102 16.50 -25.38 -18.02
N PHE A 103 15.56 -26.21 -18.45
CA PHE A 103 14.63 -25.76 -19.49
C PHE A 103 13.39 -25.07 -18.92
N MET A 104 13.17 -23.84 -19.36
CA MET A 104 12.01 -23.05 -18.94
C MET A 104 10.90 -23.30 -19.97
N GLU A 105 9.94 -24.11 -19.56
CA GLU A 105 8.82 -24.56 -20.38
C GLU A 105 8.03 -23.58 -21.26
N HIS A 106 7.83 -22.35 -20.81
CA HIS A 106 7.05 -21.39 -21.61
C HIS A 106 7.78 -20.26 -22.32
N GLY A 107 9.09 -20.40 -22.50
CA GLY A 107 9.87 -19.41 -23.21
C GLY A 107 10.06 -18.02 -22.63
N CYS A 108 10.22 -17.05 -23.51
CA CYS A 108 10.42 -15.67 -23.09
C CYS A 108 9.14 -14.98 -22.66
N LEU A 109 9.27 -14.13 -21.64
CA LEU A 109 8.16 -13.37 -21.10
C LEU A 109 7.47 -12.54 -22.17
N SER A 110 8.23 -11.90 -23.06
CA SER A 110 7.60 -11.09 -24.10
C SER A 110 6.62 -11.91 -24.95
N ASP A 111 7.08 -13.04 -25.49
CA ASP A 111 6.25 -13.91 -26.31
C ASP A 111 5.06 -14.42 -25.52
N TYR A 112 5.32 -14.80 -24.27
CA TYR A 112 4.27 -15.30 -23.40
C TYR A 112 3.13 -14.27 -23.20
N LEU A 113 3.49 -13.03 -22.88
CA LEU A 113 2.50 -11.96 -22.66
C LEU A 113 1.66 -11.69 -23.90
N ARG A 114 2.30 -11.72 -25.07
CA ARG A 114 1.64 -11.47 -26.35
C ARG A 114 0.63 -12.53 -26.76
N THR A 115 1.01 -13.80 -26.67
CA THR A 115 0.11 -14.86 -27.09
C THR A 115 -0.99 -15.13 -26.06
N GLN A 116 -0.74 -14.76 -24.81
CA GLN A 116 -1.71 -14.96 -23.75
C GLN A 116 -2.49 -13.67 -23.46
N ARG A 117 -2.29 -12.66 -24.29
CA ARG A 117 -2.97 -11.37 -24.10
C ARG A 117 -4.48 -11.56 -23.95
N GLY A 118 -5.06 -10.90 -22.96
CA GLY A 118 -6.48 -11.00 -22.72
C GLY A 118 -6.89 -12.06 -21.73
N LEU A 119 -5.95 -12.93 -21.37
CA LEU A 119 -6.22 -14.02 -20.43
C LEU A 119 -5.58 -13.79 -19.06
N PHE A 120 -5.00 -12.60 -18.87
CA PHE A 120 -4.34 -12.27 -17.61
C PHE A 120 -5.17 -11.42 -16.67
N ALA A 121 -5.16 -11.77 -15.40
CA ALA A 121 -5.83 -10.96 -14.38
C ALA A 121 -4.68 -10.01 -13.94
N ALA A 122 -5.01 -8.85 -13.41
CA ALA A 122 -3.96 -7.90 -12.99
C ALA A 122 -3.00 -8.47 -11.93
N GLU A 123 -3.53 -9.28 -11.02
CA GLU A 123 -2.74 -9.92 -9.95
C GLU A 123 -1.63 -10.78 -10.53
N THR A 124 -1.96 -11.50 -11.59
CA THR A 124 -1.02 -12.38 -12.28
C THR A 124 0.14 -11.54 -12.83
N LEU A 125 -0.21 -10.52 -13.58
CA LEU A 125 0.80 -9.63 -14.16
C LEU A 125 1.65 -9.00 -13.03
N LEU A 126 1.03 -8.56 -11.94
CA LEU A 126 1.81 -7.98 -10.85
C LEU A 126 2.73 -9.03 -10.25
N GLY A 127 2.23 -10.26 -10.16
CA GLY A 127 3.01 -11.35 -9.63
C GLY A 127 4.28 -11.56 -10.44
N MET A 128 4.16 -11.42 -11.76
CA MET A 128 5.29 -11.56 -12.66
C MET A 128 6.35 -10.51 -12.38
N CYS A 129 5.92 -9.28 -12.15
CA CYS A 129 6.85 -8.21 -11.84
C CYS A 129 7.59 -8.52 -10.54
N LEU A 130 6.86 -9.03 -9.55
CA LEU A 130 7.49 -9.36 -8.27
C LEU A 130 8.57 -10.43 -8.42
N ASP A 131 8.34 -11.43 -9.27
CA ASP A 131 9.33 -12.46 -9.51
C ASP A 131 10.62 -11.83 -10.02
N VAL A 132 10.51 -11.05 -11.09
CA VAL A 132 11.64 -10.36 -11.69
C VAL A 132 12.37 -9.48 -10.67
N CYS A 133 11.60 -8.74 -9.88
CA CYS A 133 12.16 -7.85 -8.88
C CYS A 133 12.98 -8.61 -7.83
N GLU A 134 12.51 -9.79 -7.42
CA GLU A 134 13.25 -10.59 -6.44
C GLU A 134 14.61 -11.01 -7.01
N GLY A 135 14.63 -11.48 -8.25
CA GLY A 135 15.87 -11.90 -8.87
C GLY A 135 16.78 -10.70 -9.07
N MET A 136 16.18 -9.56 -9.41
CA MET A 136 16.94 -8.32 -9.62
C MET A 136 17.51 -7.78 -8.30
N ALA A 137 16.74 -7.94 -7.22
CA ALA A 137 17.15 -7.50 -5.89
C ALA A 137 18.35 -8.35 -5.49
N TYR A 138 18.29 -9.63 -5.84
CA TYR A 138 19.36 -10.55 -5.54
C TYR A 138 20.63 -10.14 -6.28
N LEU A 139 20.52 -9.91 -7.59
CA LEU A 139 21.67 -9.50 -8.40
C LEU A 139 22.25 -8.18 -7.92
N GLU A 140 21.35 -7.25 -7.58
CA GLU A 140 21.75 -5.95 -7.08
C GLU A 140 22.69 -6.15 -5.89
N GLU A 141 22.18 -6.87 -4.88
CA GLU A 141 22.94 -7.15 -3.67
C GLU A 141 24.26 -7.85 -3.98
N ALA A 142 24.33 -8.57 -5.10
CA ALA A 142 25.55 -9.26 -5.51
C ALA A 142 26.40 -8.34 -6.40
N CYS A 143 26.05 -7.06 -6.45
CA CYS A 143 26.78 -6.07 -7.24
C CYS A 143 26.88 -6.41 -8.72
N VAL A 144 25.87 -7.13 -9.22
CA VAL A 144 25.83 -7.53 -10.61
C VAL A 144 24.88 -6.60 -11.37
N ILE A 145 25.39 -5.94 -12.42
CA ILE A 145 24.55 -5.04 -13.21
C ILE A 145 24.05 -5.87 -14.38
N HIS A 146 22.74 -5.88 -14.60
CA HIS A 146 22.19 -6.65 -15.72
C HIS A 146 22.49 -5.99 -17.06
N ARG A 147 22.08 -4.73 -17.21
CA ARG A 147 22.31 -3.93 -18.42
C ARG A 147 21.42 -4.24 -19.61
N ASP A 148 20.59 -5.27 -19.49
CA ASP A 148 19.71 -5.63 -20.59
C ASP A 148 18.41 -6.26 -20.04
N LEU A 149 17.89 -5.66 -18.99
CA LEU A 149 16.66 -6.15 -18.37
C LEU A 149 15.45 -5.73 -19.19
N ALA A 150 14.88 -6.69 -19.92
CA ALA A 150 13.71 -6.46 -20.75
C ALA A 150 12.89 -7.75 -20.68
N ALA A 151 11.59 -7.69 -20.98
CA ALA A 151 10.75 -8.89 -20.90
C ALA A 151 11.26 -10.03 -21.78
N ARG A 152 11.95 -9.69 -22.86
CA ARG A 152 12.47 -10.72 -23.77
C ARG A 152 13.64 -11.48 -23.15
N ASN A 153 14.20 -10.94 -22.08
CA ASN A 153 15.33 -11.60 -21.43
C ASN A 153 14.91 -12.29 -20.14
N CYS A 154 13.61 -12.44 -19.99
CA CYS A 154 13.04 -13.13 -18.84
C CYS A 154 12.36 -14.39 -19.38
N LEU A 155 12.35 -15.44 -18.57
CA LEU A 155 11.78 -16.70 -18.98
C LEU A 155 10.62 -17.13 -18.10
N VAL A 156 9.67 -17.85 -18.69
CA VAL A 156 8.50 -18.33 -17.97
C VAL A 156 8.57 -19.83 -17.77
N GLY A 157 8.54 -20.24 -16.51
CA GLY A 157 8.57 -21.65 -16.20
C GLY A 157 7.15 -22.18 -16.07
N GLU A 158 7.03 -23.47 -15.76
CA GLU A 158 5.73 -24.06 -15.60
C GLU A 158 5.15 -23.48 -14.30
N ASN A 159 3.94 -22.92 -14.41
CA ASN A 159 3.20 -22.30 -13.31
C ASN A 159 3.38 -20.79 -13.36
N GLN A 160 3.87 -20.31 -14.49
CA GLN A 160 4.06 -18.89 -14.72
C GLN A 160 5.10 -18.20 -13.87
N VAL A 161 5.98 -18.96 -13.23
CA VAL A 161 7.05 -18.37 -12.44
C VAL A 161 7.94 -17.69 -13.45
N ILE A 162 8.41 -16.48 -13.14
CA ILE A 162 9.29 -15.76 -14.04
C ILE A 162 10.70 -15.79 -13.45
N LYS A 163 11.69 -16.09 -14.28
CA LYS A 163 13.07 -16.11 -13.84
C LYS A 163 13.88 -15.19 -14.73
N VAL A 164 14.83 -14.45 -14.15
CA VAL A 164 15.65 -13.57 -14.92
C VAL A 164 16.74 -14.41 -15.59
N SER A 165 17.05 -14.10 -16.84
CA SER A 165 18.08 -14.82 -17.57
C SER A 165 19.04 -13.81 -18.18
N ASP A 166 20.12 -14.31 -18.79
CA ASP A 166 21.08 -13.41 -19.44
C ASP A 166 21.62 -12.39 -18.43
N PHE A 167 21.66 -12.79 -17.15
CA PHE A 167 22.15 -11.91 -16.08
C PHE A 167 23.65 -11.87 -15.92
N GLY A 168 24.33 -12.91 -16.39
CA GLY A 168 25.79 -12.97 -16.29
C GLY A 168 26.50 -12.53 -17.54
N PRO A 187 19.52 -0.50 -27.36
CA PRO A 187 18.18 -0.61 -26.77
C PRO A 187 17.84 0.64 -25.93
N VAL A 188 17.81 1.78 -26.60
CA VAL A 188 17.53 3.06 -25.93
C VAL A 188 16.12 3.11 -25.33
N LYS A 189 15.25 2.20 -25.76
CA LYS A 189 13.90 2.16 -25.23
C LYS A 189 13.85 1.66 -23.80
N TRP A 190 14.94 1.03 -23.34
CA TRP A 190 15.03 0.52 -21.97
C TRP A 190 16.13 1.22 -21.19
N ALA A 191 16.81 2.15 -21.85
CA ALA A 191 17.90 2.87 -21.22
C ALA A 191 17.48 4.08 -20.41
N SER A 192 18.14 4.28 -19.27
CA SER A 192 17.91 5.44 -18.42
C SER A 192 18.68 6.60 -19.07
N PRO A 193 18.41 7.84 -18.68
CA PRO A 193 19.12 8.99 -19.26
C PRO A 193 20.63 8.90 -19.20
N GLU A 194 21.16 8.55 -18.03
CA GLU A 194 22.60 8.45 -17.85
C GLU A 194 23.18 7.33 -18.71
N VAL A 195 22.31 6.43 -19.21
CA VAL A 195 22.78 5.36 -20.07
C VAL A 195 22.88 5.85 -21.52
N PHE A 196 21.84 6.46 -22.08
CA PHE A 196 22.01 6.93 -23.45
C PHE A 196 22.89 8.18 -23.54
N SER A 197 23.22 8.76 -22.38
CA SER A 197 24.07 9.94 -22.37
C SER A 197 25.52 9.58 -22.07
N PHE A 198 25.74 8.85 -20.98
CA PHE A 198 27.08 8.48 -20.55
C PHE A 198 27.43 6.99 -20.52
N SER A 199 26.52 6.13 -20.97
CA SER A 199 26.76 4.69 -20.92
C SER A 199 27.16 4.36 -19.49
N ARG A 200 26.49 5.03 -18.55
CA ARG A 200 26.73 4.89 -17.12
C ARG A 200 25.72 3.90 -16.53
N TYR A 201 26.13 2.63 -16.45
CA TYR A 201 25.30 1.57 -15.92
C TYR A 201 25.44 1.41 -14.43
N SER A 202 24.36 0.96 -13.80
CA SER A 202 24.33 0.74 -12.36
C SER A 202 23.05 -0.04 -12.09
N SER A 203 22.84 -0.44 -10.84
CA SER A 203 21.62 -1.14 -10.53
C SER A 203 20.46 -0.15 -10.70
N LYS A 204 20.75 1.14 -10.53
CA LYS A 204 19.71 2.16 -10.68
C LYS A 204 19.28 2.30 -12.14
N SER A 205 20.18 2.05 -13.08
CA SER A 205 19.79 2.10 -14.50
C SER A 205 19.00 0.82 -14.77
N ASP A 206 19.32 -0.26 -14.05
CA ASP A 206 18.58 -1.52 -14.19
C ASP A 206 17.14 -1.29 -13.77
N VAL A 207 16.97 -0.55 -12.67
CA VAL A 207 15.64 -0.23 -12.14
C VAL A 207 14.78 0.46 -13.18
N TRP A 208 15.36 1.43 -13.89
CA TRP A 208 14.64 2.15 -14.94
C TRP A 208 14.17 1.13 -15.96
N SER A 209 15.08 0.23 -16.32
CA SER A 209 14.81 -0.82 -17.29
C SER A 209 13.64 -1.67 -16.77
N PHE A 210 13.67 -1.97 -15.47
CA PHE A 210 12.63 -2.75 -14.83
C PHE A 210 11.27 -2.03 -14.96
N GLY A 211 11.28 -0.70 -14.87
CA GLY A 211 10.06 0.06 -15.03
C GLY A 211 9.47 -0.19 -16.41
N VAL A 212 10.30 -0.13 -17.46
CA VAL A 212 9.86 -0.37 -18.83
C VAL A 212 9.36 -1.82 -18.91
N LEU A 213 10.11 -2.76 -18.32
CA LEU A 213 9.68 -4.15 -18.30
C LEU A 213 8.28 -4.25 -17.64
N MET A 214 8.06 -3.49 -16.56
CA MET A 214 6.76 -3.49 -15.90
C MET A 214 5.71 -3.03 -16.90
N TRP A 215 6.06 -2.03 -17.70
CA TRP A 215 5.14 -1.51 -18.70
C TRP A 215 4.82 -2.61 -19.73
N GLU A 216 5.83 -3.37 -20.13
CA GLU A 216 5.65 -4.46 -21.10
C GLU A 216 4.71 -5.50 -20.52
N VAL A 217 4.92 -5.80 -19.24
CA VAL A 217 4.09 -6.78 -18.56
C VAL A 217 2.61 -6.36 -18.52
N PHE A 218 2.34 -5.12 -18.11
CA PHE A 218 0.96 -4.67 -18.02
C PHE A 218 0.25 -4.31 -19.30
N SER A 219 1.00 -4.04 -20.37
CA SER A 219 0.39 -3.72 -21.65
C SER A 219 0.22 -5.07 -22.33
N GLU A 220 0.64 -6.11 -21.62
CA GLU A 220 0.56 -7.48 -22.09
C GLU A 220 1.40 -7.68 -23.34
N GLY A 221 2.66 -7.26 -23.27
CA GLY A 221 3.55 -7.43 -24.39
C GLY A 221 3.57 -6.40 -25.51
N LYS A 222 3.11 -5.18 -25.25
CA LYS A 222 3.15 -4.16 -26.29
C LYS A 222 4.58 -3.68 -26.39
N ILE A 223 4.89 -3.01 -27.50
CA ILE A 223 6.22 -2.48 -27.75
C ILE A 223 6.29 -1.05 -27.22
N PRO A 224 7.20 -0.74 -26.30
CA PRO A 224 7.27 0.64 -25.80
C PRO A 224 7.80 1.59 -26.87
N TYR A 225 7.20 2.78 -26.95
CA TYR A 225 7.56 3.81 -27.94
C TYR A 225 7.64 3.20 -29.33
N GLU A 226 6.68 2.33 -29.66
CA GLU A 226 6.65 1.65 -30.94
C GLU A 226 6.83 2.53 -32.16
N ASN A 227 6.15 3.68 -32.18
CA ASN A 227 6.27 4.59 -33.31
C ASN A 227 7.05 5.85 -32.96
N ARG A 228 8.33 5.64 -32.64
CA ARG A 228 9.23 6.73 -32.29
C ARG A 228 10.68 6.29 -32.49
N SER A 229 11.48 7.17 -33.06
CA SER A 229 12.89 6.87 -33.32
C SER A 229 13.67 7.09 -32.03
N ASN A 230 14.96 6.77 -32.06
CA ASN A 230 15.82 6.96 -30.89
C ASN A 230 15.74 8.43 -30.47
N SER A 231 15.91 9.32 -31.44
CA SER A 231 15.86 10.75 -31.20
C SER A 231 14.56 11.16 -30.53
N GLU A 232 13.45 10.70 -31.08
CA GLU A 232 12.14 11.04 -30.54
C GLU A 232 11.97 10.53 -29.10
N VAL A 233 12.48 9.33 -28.83
CA VAL A 233 12.39 8.76 -27.50
C VAL A 233 13.22 9.62 -26.55
N VAL A 234 14.45 9.93 -26.93
CA VAL A 234 15.32 10.76 -26.11
C VAL A 234 14.73 12.14 -25.85
N GLU A 235 14.12 12.74 -26.86
CA GLU A 235 13.51 14.06 -26.70
C GLU A 235 12.34 13.94 -25.75
N ASP A 236 11.38 13.07 -26.08
CA ASP A 236 10.21 12.87 -25.25
C ASP A 236 10.56 12.60 -23.80
N ILE A 237 11.50 11.70 -23.57
CA ILE A 237 11.92 11.38 -22.20
C ILE A 237 12.60 12.57 -21.54
N SER A 238 13.49 13.24 -22.27
CA SER A 238 14.20 14.39 -21.75
C SER A 238 13.24 15.54 -21.42
N THR A 239 12.06 15.53 -22.02
CA THR A 239 11.07 16.58 -21.77
C THR A 239 10.10 16.20 -20.66
N GLY A 240 10.26 15.01 -20.08
CA GLY A 240 9.38 14.58 -18.99
C GLY A 240 8.24 13.64 -19.33
N PHE A 241 8.16 13.23 -20.59
CA PHE A 241 7.13 12.31 -21.05
C PHE A 241 7.53 10.91 -20.60
N ARG A 242 6.55 10.07 -20.31
CA ARG A 242 6.80 8.69 -19.89
C ARG A 242 5.77 7.78 -20.54
N LEU A 243 6.06 6.49 -20.60
CA LEU A 243 5.13 5.55 -21.20
C LEU A 243 3.75 5.69 -20.56
N TYR A 244 2.70 5.67 -21.37
CA TYR A 244 1.34 5.80 -20.86
C TYR A 244 1.01 4.63 -19.93
N LYS A 245 -0.01 4.81 -19.10
CA LYS A 245 -0.42 3.78 -18.15
C LYS A 245 -1.27 2.69 -18.83
N PRO A 246 -0.77 1.45 -18.87
CA PRO A 246 -1.58 0.40 -19.51
C PRO A 246 -2.89 0.27 -18.74
N ARG A 247 -3.96 -0.16 -19.40
CA ARG A 247 -5.24 -0.28 -18.70
C ARG A 247 -5.21 -1.25 -17.52
N LEU A 248 -4.46 -2.33 -17.62
CA LEU A 248 -4.39 -3.30 -16.53
C LEU A 248 -3.52 -2.83 -15.37
N ALA A 249 -2.76 -1.75 -15.59
CA ALA A 249 -1.90 -1.17 -14.55
C ALA A 249 -2.72 -0.22 -13.66
N SER A 250 -2.85 -0.55 -12.37
CA SER A 250 -3.61 0.31 -11.46
C SER A 250 -2.89 1.62 -11.25
N THR A 251 -3.56 2.63 -10.70
CA THR A 251 -2.86 3.88 -10.52
C THR A 251 -1.65 3.66 -9.57
N HIS A 252 -1.79 2.78 -8.59
CA HIS A 252 -0.67 2.50 -7.69
C HIS A 252 0.52 1.81 -8.37
N VAL A 253 0.24 0.91 -9.30
CA VAL A 253 1.28 0.21 -10.03
C VAL A 253 2.00 1.24 -10.89
N TYR A 254 1.23 2.07 -11.58
CA TYR A 254 1.78 3.11 -12.44
C TYR A 254 2.67 4.08 -11.66
N GLN A 255 2.29 4.37 -10.43
CA GLN A 255 3.06 5.25 -9.56
C GLN A 255 4.45 4.64 -9.41
N ILE A 256 4.51 3.35 -9.10
CA ILE A 256 5.79 2.66 -8.93
C ILE A 256 6.60 2.71 -10.23
N MET A 257 5.93 2.50 -11.35
CA MET A 257 6.59 2.56 -12.65
C MET A 257 7.29 3.91 -12.83
N ASN A 258 6.63 4.97 -12.36
CA ASN A 258 7.18 6.30 -12.49
C ASN A 258 8.33 6.62 -11.54
N HIS A 259 8.41 5.89 -10.42
CA HIS A 259 9.51 6.06 -9.47
C HIS A 259 10.77 5.47 -10.12
N CYS A 260 10.59 4.39 -10.88
CA CYS A 260 11.68 3.74 -11.61
C CYS A 260 12.17 4.64 -12.75
N TRP A 261 11.28 5.51 -13.24
CA TRP A 261 11.62 6.40 -14.34
C TRP A 261 11.96 7.83 -13.91
N LYS A 262 12.40 7.96 -12.67
CA LYS A 262 12.81 9.27 -12.15
C LYS A 262 14.11 9.61 -12.87
N GLU A 263 14.19 10.81 -13.40
CA GLU A 263 15.39 11.25 -14.11
C GLU A 263 16.72 10.98 -13.36
N ARG A 264 16.72 11.18 -12.05
CA ARG A 264 17.93 10.98 -11.24
C ARG A 264 18.07 9.60 -10.61
N PRO A 265 19.18 8.89 -10.89
CA PRO A 265 19.42 7.56 -10.33
C PRO A 265 19.12 7.51 -8.83
N GLU A 266 19.65 8.48 -8.08
CA GLU A 266 19.45 8.55 -6.64
C GLU A 266 17.98 8.73 -6.25
N ASP A 267 17.14 9.12 -7.21
CA ASP A 267 15.72 9.30 -6.94
C ASP A 267 14.90 8.03 -7.15
N ARG A 268 15.53 7.02 -7.74
CA ARG A 268 14.89 5.74 -7.99
C ARG A 268 15.16 4.84 -6.80
N PRO A 269 14.21 3.99 -6.46
CA PRO A 269 14.42 3.09 -5.33
C PRO A 269 15.32 1.94 -5.79
N ALA A 270 16.04 1.34 -4.83
CA ALA A 270 16.90 0.20 -5.13
C ALA A 270 15.92 -0.96 -5.28
N PHE A 271 16.32 -2.01 -5.97
CA PHE A 271 15.43 -3.15 -6.14
C PHE A 271 14.95 -3.71 -4.80
N SER A 272 15.83 -3.70 -3.80
CA SER A 272 15.49 -4.20 -2.48
C SER A 272 14.27 -3.47 -1.92
N ARG A 273 14.20 -2.16 -2.15
CA ARG A 273 13.09 -1.32 -1.72
C ARG A 273 11.86 -1.50 -2.61
N LEU A 274 12.09 -1.50 -3.91
CA LEU A 274 11.03 -1.69 -4.90
C LEU A 274 10.25 -2.96 -4.59
N LEU A 275 10.98 -4.03 -4.32
CA LEU A 275 10.40 -5.34 -3.99
C LEU A 275 9.31 -5.21 -2.94
N ARG A 276 9.61 -4.56 -1.83
CA ARG A 276 8.63 -4.39 -0.77
C ARG A 276 7.47 -3.46 -1.17
N GLN A 277 7.74 -2.47 -2.02
CA GLN A 277 6.68 -1.55 -2.47
C GLN A 277 5.68 -2.33 -3.32
N LEU A 278 6.20 -3.14 -4.25
CA LEU A 278 5.34 -3.95 -5.10
C LEU A 278 4.60 -4.97 -4.24
N ALA A 279 5.28 -5.58 -3.27
CA ALA A 279 4.68 -6.57 -2.40
C ALA A 279 3.47 -6.03 -1.62
N GLU A 280 3.54 -4.78 -1.20
CA GLU A 280 2.42 -4.18 -0.45
C GLU A 280 1.22 -3.90 -1.35
N ILE A 281 1.48 -3.32 -2.52
CA ILE A 281 0.42 -3.04 -3.49
C ILE A 281 -0.28 -4.34 -3.89
N ALA A 282 0.52 -5.38 -4.16
CA ALA A 282 0.01 -6.69 -4.58
C ALA A 282 -1.12 -7.14 -3.66
N GLU A 283 -1.02 -6.80 -2.38
CA GLU A 283 -2.08 -7.13 -1.43
C GLU A 283 -3.16 -6.02 -1.52
N SER A 284 -3.80 -5.87 -2.70
CA SER A 284 -4.89 -4.90 -2.96
C SER A 284 -4.95 -3.96 -4.19
N MET B 22 -24.06 -7.85 31.98
CA MET B 22 -23.38 -7.14 33.09
C MET B 22 -22.01 -7.73 33.34
N VAL B 23 -20.97 -6.97 33.01
CA VAL B 23 -19.61 -7.42 33.22
C VAL B 23 -19.07 -6.58 34.36
N ILE B 24 -19.52 -6.92 35.57
CA ILE B 24 -19.13 -6.19 36.77
C ILE B 24 -17.68 -6.40 37.18
N ASP B 25 -17.14 -5.35 37.81
CA ASP B 25 -15.73 -5.27 38.23
C ASP B 25 -15.61 -4.55 39.59
N PRO B 26 -14.83 -5.09 40.55
CA PRO B 26 -14.72 -4.40 41.84
C PRO B 26 -13.43 -3.60 42.01
N SER B 27 -12.71 -3.86 43.11
CA SER B 27 -11.45 -3.18 43.40
C SER B 27 -10.27 -3.87 42.75
N GLU B 28 -10.48 -4.30 41.52
CA GLU B 28 -9.46 -4.98 40.76
C GLU B 28 -8.76 -3.94 39.89
N LEU B 29 -9.06 -2.68 40.15
CA LEU B 29 -8.51 -1.54 39.42
C LEU B 29 -7.36 -0.82 40.13
N THR B 30 -6.37 -0.43 39.34
CA THR B 30 -5.22 0.31 39.82
C THR B 30 -5.24 1.62 39.04
N PHE B 31 -5.66 2.70 39.69
CA PHE B 31 -5.74 4.01 39.05
C PHE B 31 -4.36 4.62 39.01
N VAL B 32 -3.78 4.76 37.82
CA VAL B 32 -2.44 5.31 37.74
C VAL B 32 -2.39 6.82 37.57
N GLN B 33 -3.00 7.34 36.52
CA GLN B 33 -2.94 8.76 36.27
C GLN B 33 -4.18 9.30 35.58
N GLU B 34 -4.61 10.50 35.98
CA GLU B 34 -5.77 11.13 35.36
C GLU B 34 -5.35 11.56 33.96
N ILE B 35 -6.17 11.22 32.97
CA ILE B 35 -5.84 11.56 31.59
C ILE B 35 -6.98 12.33 30.93
N GLY B 36 -8.10 12.44 31.62
CA GLY B 36 -9.23 13.14 31.08
C GLY B 36 -10.11 13.69 32.17
N SER B 37 -10.75 14.82 31.87
CA SER B 37 -11.64 15.50 32.81
C SER B 37 -12.59 16.40 32.02
N GLY B 38 -13.85 16.39 32.41
CA GLY B 38 -14.84 17.18 31.70
C GLY B 38 -16.14 17.18 32.48
N GLN B 39 -17.22 17.69 31.93
CA GLN B 39 -18.46 17.86 32.71
C GLN B 39 -19.08 16.70 33.51
N PHE B 40 -19.14 15.53 32.89
CA PHE B 40 -19.78 14.31 33.39
C PHE B 40 -18.89 13.24 33.97
N GLY B 41 -17.59 13.46 33.88
CA GLY B 41 -16.65 12.47 34.38
C GLY B 41 -15.15 12.66 34.23
N LEU B 42 -14.42 11.78 34.92
CA LEU B 42 -12.97 11.76 34.91
C LEU B 42 -12.52 10.52 34.16
N VAL B 43 -11.32 10.56 33.60
CA VAL B 43 -10.77 9.43 32.88
C VAL B 43 -9.36 9.14 33.39
N HIS B 44 -9.13 7.90 33.77
CA HIS B 44 -7.83 7.47 34.28
C HIS B 44 -7.18 6.33 33.52
N LEU B 45 -5.86 6.37 33.46
CA LEU B 45 -5.08 5.31 32.84
C LEU B 45 -4.89 4.42 34.08
N GLY B 46 -4.98 3.11 33.90
CA GLY B 46 -4.81 2.23 35.03
C GLY B 46 -4.69 0.81 34.57
N TYR B 47 -4.89 -0.12 35.49
CA TYR B 47 -4.81 -1.54 35.15
C TYR B 47 -5.98 -2.30 35.74
N TRP B 48 -6.33 -3.40 35.10
CA TRP B 48 -7.37 -4.27 35.61
C TRP B 48 -6.54 -5.47 36.05
N LEU B 49 -6.75 -5.91 37.30
CA LEU B 49 -6.01 -7.03 37.90
C LEU B 49 -4.51 -6.91 37.65
N ASN B 50 -4.01 -5.68 37.59
CA ASN B 50 -2.60 -5.40 37.37
C ASN B 50 -2.05 -6.16 36.17
N LYS B 51 -2.89 -6.41 35.19
CA LYS B 51 -2.45 -7.14 34.00
C LYS B 51 -2.68 -6.35 32.71
N ASP B 52 -3.91 -5.89 32.53
CA ASP B 52 -4.27 -5.15 31.33
C ASP B 52 -4.28 -3.66 31.56
N LYS B 53 -3.67 -2.92 30.64
CA LYS B 53 -3.65 -1.47 30.73
C LYS B 53 -5.09 -1.06 30.37
N VAL B 54 -5.66 -0.17 31.15
CA VAL B 54 -7.05 0.23 30.92
C VAL B 54 -7.29 1.73 31.09
N ALA B 55 -8.41 2.18 30.53
CA ALA B 55 -8.84 3.57 30.61
C ALA B 55 -10.11 3.52 31.43
N ILE B 56 -10.09 4.11 32.63
CA ILE B 56 -11.24 4.07 33.52
C ILE B 56 -12.00 5.40 33.57
N LYS B 57 -13.29 5.37 33.23
CA LYS B 57 -14.09 6.59 33.30
C LYS B 57 -14.98 6.54 34.53
N THR B 58 -14.75 7.44 35.47
CA THR B 58 -15.57 7.48 36.68
C THR B 58 -16.59 8.61 36.49
N ILE B 59 -17.80 8.39 37.00
CA ILE B 59 -18.86 9.38 36.91
C ILE B 59 -18.49 10.61 37.75
N LYS B 60 -18.95 11.78 37.37
CA LYS B 60 -18.61 12.98 38.11
C LYS B 60 -19.59 13.21 39.26
N GLU B 61 -19.02 13.38 40.46
CA GLU B 61 -19.71 13.63 41.74
C GLU B 61 -21.22 13.45 41.82
N GLY B 62 -21.92 13.97 40.82
CA GLY B 62 -23.36 13.88 40.78
C GLY B 62 -23.85 15.02 39.93
N SER B 63 -23.88 14.80 38.62
CA SER B 63 -24.32 15.81 37.67
C SER B 63 -24.91 15.06 36.48
N MET B 64 -25.16 13.78 36.71
CA MET B 64 -25.73 12.89 35.71
C MET B 64 -26.15 11.64 36.47
N SER B 65 -27.42 11.27 36.34
CA SER B 65 -27.93 10.10 37.03
C SER B 65 -27.02 8.92 36.76
N GLU B 66 -26.82 8.08 37.76
CA GLU B 66 -25.96 6.91 37.61
C GLU B 66 -26.57 6.04 36.53
N ASP B 67 -27.88 6.11 36.40
CA ASP B 67 -28.59 5.37 35.38
C ASP B 67 -28.30 5.85 33.97
N ASP B 68 -27.82 7.05 33.79
CA ASP B 68 -27.56 7.44 32.39
C ASP B 68 -26.10 7.19 32.09
N PHE B 69 -25.29 7.19 33.14
CA PHE B 69 -23.88 6.93 33.05
C PHE B 69 -23.71 5.47 32.66
N ILE B 70 -24.55 4.62 33.26
CA ILE B 70 -24.52 3.19 33.03
C ILE B 70 -24.96 2.81 31.62
N GLU B 71 -25.87 3.59 31.04
CA GLU B 71 -26.37 3.28 29.71
C GLU B 71 -25.29 3.26 28.63
N GLU B 72 -24.19 3.97 28.84
CA GLU B 72 -23.12 3.96 27.85
C GLU B 72 -22.57 2.54 27.74
N ALA B 73 -22.51 1.85 28.87
CA ALA B 73 -22.03 0.47 28.90
C ALA B 73 -23.09 -0.49 28.40
N GLU B 74 -24.35 -0.27 28.79
CA GLU B 74 -25.45 -1.12 28.35
C GLU B 74 -25.46 -1.18 26.82
N VAL B 75 -25.23 -0.04 26.19
CA VAL B 75 -25.21 0.06 24.74
C VAL B 75 -23.89 -0.43 24.16
N MET B 76 -22.78 -0.10 24.81
CA MET B 76 -21.48 -0.55 24.33
C MET B 76 -21.38 -2.07 24.38
N MET B 77 -22.13 -2.68 25.29
CA MET B 77 -22.10 -4.14 25.44
C MET B 77 -22.77 -4.87 24.28
N LYS B 78 -23.44 -4.14 23.40
CA LYS B 78 -24.10 -4.77 22.27
C LYS B 78 -23.39 -4.45 20.96
N LEU B 79 -22.33 -3.65 21.03
CA LEU B 79 -21.59 -3.28 19.84
C LEU B 79 -20.20 -3.91 19.86
N SER B 80 -19.78 -4.41 18.70
CA SER B 80 -18.50 -5.05 18.58
C SER B 80 -17.91 -4.88 17.19
N HIS B 81 -17.03 -3.91 17.04
CA HIS B 81 -16.40 -3.70 15.76
C HIS B 81 -14.92 -3.38 15.97
N PRO B 82 -14.07 -3.75 15.00
CA PRO B 82 -12.64 -3.47 15.14
C PRO B 82 -12.27 -1.99 15.21
N LYS B 83 -13.18 -1.12 14.81
CA LYS B 83 -12.92 0.32 14.81
C LYS B 83 -13.72 1.07 15.87
N LEU B 84 -14.23 0.34 16.86
CA LEU B 84 -14.98 0.90 17.98
C LEU B 84 -14.25 0.45 19.25
N VAL B 85 -13.95 1.38 20.15
CA VAL B 85 -13.24 1.00 21.36
C VAL B 85 -14.03 -0.06 22.12
N GLN B 86 -13.30 -1.01 22.70
CA GLN B 86 -13.92 -2.10 23.45
C GLN B 86 -14.04 -1.85 24.95
N LEU B 87 -15.00 -2.53 25.56
CA LEU B 87 -15.26 -2.40 26.97
C LEU B 87 -14.79 -3.63 27.72
N TYR B 88 -14.08 -3.43 28.82
CA TYR B 88 -13.63 -4.54 29.67
C TYR B 88 -14.70 -4.85 30.72
N GLY B 89 -15.35 -3.80 31.24
CA GLY B 89 -16.38 -3.99 32.23
C GLY B 89 -16.89 -2.71 32.86
N VAL B 90 -17.58 -2.84 34.00
CA VAL B 90 -18.14 -1.70 34.72
C VAL B 90 -18.11 -1.91 36.24
N CYS B 91 -18.03 -0.81 36.97
CA CYS B 91 -18.04 -0.82 38.44
C CYS B 91 -19.25 -0.04 38.88
N LEU B 92 -20.39 -0.72 38.98
CA LEU B 92 -21.64 -0.08 39.37
C LEU B 92 -21.76 -0.22 40.87
N GLU B 93 -20.74 -0.85 41.45
CA GLU B 93 -20.67 -1.07 42.87
C GLU B 93 -20.86 0.18 43.72
N GLN B 94 -19.75 0.76 44.17
CA GLN B 94 -19.84 1.95 45.02
C GLN B 94 -19.25 3.27 44.52
N ALA B 95 -19.32 4.26 45.41
CA ALA B 95 -18.81 5.62 45.23
C ALA B 95 -18.71 6.06 43.78
N PRO B 96 -17.50 6.36 43.25
CA PRO B 96 -17.62 6.76 41.85
C PRO B 96 -17.78 5.50 40.99
N ILE B 97 -18.98 5.26 40.46
CA ILE B 97 -19.17 4.09 39.63
C ILE B 97 -18.35 4.38 38.38
N CYS B 98 -17.86 3.34 37.72
CA CYS B 98 -17.02 3.53 36.55
C CYS B 98 -17.19 2.53 35.41
N LEU B 99 -16.61 2.91 34.27
CA LEU B 99 -16.59 2.12 33.05
C LEU B 99 -15.11 1.85 32.79
N VAL B 100 -14.77 0.62 32.44
CA VAL B 100 -13.38 0.23 32.19
C VAL B 100 -13.21 -0.17 30.73
N PHE B 101 -12.50 0.65 29.97
CA PHE B 101 -12.26 0.41 28.54
C PHE B 101 -10.86 -0.07 28.28
N GLU B 102 -10.66 -0.61 27.08
CA GLU B 102 -9.35 -1.05 26.67
C GLU B 102 -8.56 0.26 26.61
N PHE B 103 -7.24 0.18 26.68
CA PHE B 103 -6.43 1.38 26.62
C PHE B 103 -5.88 1.57 25.22
N MET B 104 -6.00 2.79 24.71
CA MET B 104 -5.49 3.14 23.38
C MET B 104 -4.25 3.98 23.63
N GLU B 105 -3.10 3.38 23.36
CA GLU B 105 -1.80 3.98 23.61
C GLU B 105 -1.50 5.42 23.18
N HIS B 106 -1.92 5.79 21.98
CA HIS B 106 -1.61 7.14 21.51
C HIS B 106 -2.61 8.25 21.78
N GLY B 107 -3.57 8.02 22.67
CA GLY B 107 -4.53 9.05 23.00
C GLY B 107 -5.51 9.44 21.92
N CYS B 108 -6.18 10.59 22.11
CA CYS B 108 -7.17 11.06 21.16
C CYS B 108 -6.59 11.51 19.82
N LEU B 109 -7.41 11.39 18.78
CA LEU B 109 -7.00 11.74 17.43
C LEU B 109 -6.56 13.19 17.25
N SER B 110 -7.34 14.15 17.75
CA SER B 110 -6.99 15.57 17.60
C SER B 110 -5.62 15.94 18.19
N ASP B 111 -5.35 15.50 19.42
CA ASP B 111 -4.05 15.80 20.06
C ASP B 111 -2.91 15.10 19.31
N TYR B 112 -3.19 13.90 18.82
CA TYR B 112 -2.21 13.12 18.08
C TYR B 112 -1.90 13.76 16.72
N LEU B 113 -2.90 14.39 16.12
CA LEU B 113 -2.69 15.04 14.83
C LEU B 113 -1.85 16.30 15.04
N ARG B 114 -2.15 17.06 16.10
CA ARG B 114 -1.43 18.30 16.41
C ARG B 114 0.05 18.11 16.69
N THR B 115 0.37 17.07 17.46
CA THR B 115 1.74 16.80 17.82
C THR B 115 2.58 16.17 16.70
N GLN B 116 1.94 15.43 15.79
CA GLN B 116 2.66 14.80 14.69
C GLN B 116 2.53 15.65 13.42
N ARG B 117 2.04 16.88 13.58
CA ARG B 117 1.83 17.78 12.46
C ARG B 117 3.06 17.92 11.58
N GLY B 118 2.86 17.76 10.27
CA GLY B 118 3.95 17.85 9.34
C GLY B 118 4.52 16.49 8.99
N LEU B 119 4.27 15.50 9.85
CA LEU B 119 4.79 14.15 9.63
C LEU B 119 3.83 13.17 8.94
N PHE B 120 2.63 13.63 8.55
CA PHE B 120 1.66 12.75 7.91
C PHE B 120 1.56 12.80 6.39
N ALA B 121 1.51 11.63 5.76
CA ALA B 121 1.35 11.52 4.32
C ALA B 121 -0.17 11.52 4.11
N ALA B 122 -0.65 12.23 3.10
CA ALA B 122 -2.08 12.31 2.81
C ALA B 122 -2.78 10.95 2.82
N GLU B 123 -2.07 9.89 2.44
CA GLU B 123 -2.65 8.54 2.41
C GLU B 123 -2.99 8.09 3.81
N THR B 124 -2.09 8.40 4.73
CA THR B 124 -2.25 8.02 6.11
C THR B 124 -3.48 8.72 6.69
N LEU B 125 -3.62 10.00 6.39
CA LEU B 125 -4.76 10.79 6.87
C LEU B 125 -6.06 10.21 6.33
N LEU B 126 -6.07 9.82 5.06
CA LEU B 126 -7.26 9.25 4.47
C LEU B 126 -7.56 7.93 5.15
N GLY B 127 -6.51 7.15 5.42
CA GLY B 127 -6.66 5.87 6.08
C GLY B 127 -7.32 6.03 7.43
N MET B 128 -7.01 7.13 8.11
CA MET B 128 -7.59 7.42 9.41
C MET B 128 -9.08 7.69 9.28
N CYS B 129 -9.46 8.41 8.23
CA CYS B 129 -10.87 8.72 8.01
C CYS B 129 -11.59 7.42 7.70
N LEU B 130 -10.91 6.49 7.05
CA LEU B 130 -11.51 5.20 6.72
C LEU B 130 -11.82 4.41 7.97
N ASP B 131 -10.87 4.37 8.90
CA ASP B 131 -11.07 3.68 10.15
C ASP B 131 -12.35 4.21 10.79
N VAL B 132 -12.42 5.52 11.01
CA VAL B 132 -13.59 6.13 11.62
C VAL B 132 -14.88 5.81 10.85
N CYS B 133 -14.84 5.90 9.53
CA CYS B 133 -16.03 5.62 8.72
C CYS B 133 -16.50 4.16 8.86
N GLU B 134 -15.55 3.22 8.88
CA GLU B 134 -15.91 1.82 9.04
C GLU B 134 -16.68 1.68 10.34
N GLY B 135 -16.17 2.32 11.38
CA GLY B 135 -16.84 2.26 12.68
C GLY B 135 -18.23 2.89 12.65
N MET B 136 -18.38 4.01 11.95
CA MET B 136 -19.66 4.70 11.88
C MET B 136 -20.68 3.95 11.03
N ALA B 137 -20.20 3.22 10.01
CA ALA B 137 -21.08 2.46 9.13
C ALA B 137 -21.69 1.29 9.90
N TYR B 138 -20.94 0.78 10.86
CA TYR B 138 -21.39 -0.32 11.69
C TYR B 138 -22.46 0.24 12.63
N LEU B 139 -22.19 1.40 13.24
CA LEU B 139 -23.16 2.01 14.14
C LEU B 139 -24.45 2.36 13.38
N GLU B 140 -24.30 2.96 12.21
CA GLU B 140 -25.41 3.35 11.35
C GLU B 140 -26.30 2.13 11.04
N GLU B 141 -25.67 1.03 10.64
CA GLU B 141 -26.41 -0.19 10.32
C GLU B 141 -27.14 -0.76 11.55
N ALA B 142 -26.56 -0.56 12.73
CA ALA B 142 -27.15 -1.05 13.98
C ALA B 142 -28.12 -0.01 14.49
N CYS B 143 -28.39 0.98 13.64
CA CYS B 143 -29.30 2.06 13.97
C CYS B 143 -28.92 2.72 15.29
N VAL B 144 -27.64 3.04 15.44
CA VAL B 144 -27.12 3.69 16.63
C VAL B 144 -26.52 5.03 16.21
N ILE B 145 -26.96 6.14 16.80
CA ILE B 145 -26.34 7.39 16.40
C ILE B 145 -25.42 7.89 17.52
N HIS B 146 -24.21 8.26 17.12
CA HIS B 146 -23.19 8.73 18.04
C HIS B 146 -23.55 10.01 18.79
N ARG B 147 -23.90 11.05 18.04
CA ARG B 147 -24.28 12.36 18.60
C ARG B 147 -23.12 13.20 19.12
N ASP B 148 -21.89 12.68 19.04
CA ASP B 148 -20.76 13.45 19.51
C ASP B 148 -19.48 13.04 18.78
N LEU B 149 -19.62 12.73 17.49
CA LEU B 149 -18.47 12.34 16.71
C LEU B 149 -17.60 13.56 16.44
N ALA B 150 -16.33 13.46 16.82
CA ALA B 150 -15.34 14.52 16.62
C ALA B 150 -13.98 13.85 16.76
N ALA B 151 -12.93 14.47 16.24
CA ALA B 151 -11.59 13.89 16.33
C ALA B 151 -11.17 13.69 17.78
N ARG B 152 -11.58 14.60 18.65
CA ARG B 152 -11.24 14.48 20.07
C ARG B 152 -11.89 13.24 20.67
N ASN B 153 -12.92 12.72 20.01
CA ASN B 153 -13.62 11.54 20.50
C ASN B 153 -13.24 10.25 19.79
N CYS B 154 -12.12 10.27 19.10
CA CYS B 154 -11.59 9.09 18.42
C CYS B 154 -10.21 8.85 19.03
N LEU B 155 -9.86 7.57 19.18
CA LEU B 155 -8.60 7.19 19.78
C LEU B 155 -7.65 6.61 18.76
N VAL B 156 -6.36 6.72 19.05
CA VAL B 156 -5.31 6.21 18.19
C VAL B 156 -4.59 5.12 18.97
N GLY B 157 -4.54 3.92 18.40
CA GLY B 157 -3.88 2.84 19.08
C GLY B 157 -2.52 2.60 18.46
N GLU B 158 -1.74 1.71 19.05
CA GLU B 158 -0.44 1.42 18.47
C GLU B 158 -0.77 0.84 17.10
N ASN B 159 -0.10 1.38 16.09
CA ASN B 159 -0.25 1.01 14.69
C ASN B 159 -1.00 2.11 13.97
N GLN B 160 -1.32 3.17 14.71
CA GLN B 160 -2.05 4.29 14.15
C GLN B 160 -3.47 3.91 13.74
N VAL B 161 -3.99 2.83 14.32
CA VAL B 161 -5.36 2.42 14.01
C VAL B 161 -6.27 3.39 14.74
N ILE B 162 -7.32 3.84 14.07
CA ILE B 162 -8.25 4.79 14.70
C ILE B 162 -9.54 4.08 15.12
N LYS B 163 -9.94 4.29 16.37
CA LYS B 163 -11.18 3.72 16.89
C LYS B 163 -12.10 4.83 17.36
N VAL B 164 -13.40 4.61 17.24
CA VAL B 164 -14.42 5.55 17.67
C VAL B 164 -14.72 5.20 19.12
N SER B 165 -14.88 6.20 19.97
CA SER B 165 -15.20 5.94 21.37
C SER B 165 -16.25 6.92 21.81
N ASP B 166 -16.46 7.02 23.12
CA ASP B 166 -17.43 7.94 23.70
C ASP B 166 -18.86 7.67 23.23
N PHE B 167 -19.45 6.58 23.70
CA PHE B 167 -20.80 6.25 23.30
C PHE B 167 -21.84 6.65 24.34
N GLY B 168 -21.55 7.74 25.06
CA GLY B 168 -22.49 8.21 26.05
C GLY B 168 -23.68 8.79 25.31
N MET B 169 -23.83 8.38 24.04
CA MET B 169 -24.89 8.89 23.15
C MET B 169 -24.89 10.40 23.35
N THR B 170 -23.74 10.88 23.85
CA THR B 170 -23.46 12.27 24.18
C THR B 170 -23.75 13.27 23.08
N PRO B 187 -21.71 21.77 21.61
CA PRO B 187 -20.67 21.50 20.61
C PRO B 187 -21.25 21.83 19.24
N VAL B 188 -21.62 23.12 19.04
CA VAL B 188 -22.19 23.41 17.73
C VAL B 188 -21.21 23.27 16.55
N LYS B 189 -19.91 23.21 16.79
CA LYS B 189 -18.98 23.08 15.66
C LYS B 189 -19.05 21.76 14.91
N TRP B 190 -19.68 20.74 15.50
CA TRP B 190 -19.82 19.44 14.83
C TRP B 190 -21.28 19.10 14.59
N ALA B 191 -22.15 20.08 14.85
CA ALA B 191 -23.59 19.91 14.71
C ALA B 191 -24.18 20.34 13.39
N SER B 192 -24.97 19.46 12.79
CA SER B 192 -25.63 19.77 11.53
C SER B 192 -26.69 20.81 11.86
N PRO B 193 -27.19 21.52 10.84
CA PRO B 193 -28.21 22.54 11.12
C PRO B 193 -29.48 22.04 11.81
N GLU B 194 -30.00 20.89 11.38
CA GLU B 194 -31.22 20.36 12.01
C GLU B 194 -30.96 20.01 13.47
N VAL B 195 -29.68 19.79 13.81
CA VAL B 195 -29.30 19.49 15.18
C VAL B 195 -29.12 20.77 15.99
N PHE B 196 -28.37 21.75 15.48
CA PHE B 196 -28.20 22.96 16.29
C PHE B 196 -29.44 23.86 16.30
N SER B 197 -30.44 23.53 15.49
CA SER B 197 -31.67 24.31 15.44
C SER B 197 -32.85 23.61 16.12
N PHE B 198 -33.02 22.31 15.87
CA PHE B 198 -34.15 21.58 16.42
C PHE B 198 -33.78 20.28 17.10
N SER B 199 -32.48 20.08 17.37
CA SER B 199 -32.00 18.86 18.03
C SER B 199 -32.53 17.58 17.37
N ARG B 200 -32.57 17.58 16.04
CA ARG B 200 -33.05 16.40 15.35
C ARG B 200 -31.85 15.59 14.92
N TYR B 201 -31.57 14.54 15.69
CA TYR B 201 -30.45 13.66 15.43
C TYR B 201 -30.79 12.46 14.58
N SER B 202 -29.85 12.08 13.73
CA SER B 202 -29.97 10.91 12.87
C SER B 202 -28.57 10.51 12.41
N SER B 203 -28.44 9.42 11.67
CA SER B 203 -27.13 9.03 11.22
C SER B 203 -26.60 10.09 10.26
N LYS B 204 -27.53 10.77 9.60
CA LYS B 204 -27.18 11.84 8.67
C LYS B 204 -26.61 13.06 9.40
N SER B 205 -26.93 13.24 10.69
CA SER B 205 -26.35 14.36 11.44
C SER B 205 -24.95 13.90 11.87
N ASP B 206 -24.81 12.59 12.13
CA ASP B 206 -23.51 12.01 12.48
C ASP B 206 -22.63 12.17 11.25
N VAL B 207 -23.23 12.01 10.06
CA VAL B 207 -22.49 12.16 8.81
C VAL B 207 -21.92 13.57 8.70
N TRP B 208 -22.70 14.58 9.11
CA TRP B 208 -22.24 15.98 9.10
C TRP B 208 -20.99 16.09 9.98
N SER B 209 -21.08 15.49 11.17
CA SER B 209 -19.98 15.50 12.14
C SER B 209 -18.76 14.79 11.56
N PHE B 210 -18.98 13.74 10.77
CA PHE B 210 -17.87 12.99 10.16
C PHE B 210 -17.13 13.89 9.19
N GLY B 211 -17.91 14.70 8.46
CA GLY B 211 -17.32 15.63 7.51
C GLY B 211 -16.44 16.64 8.20
N VAL B 212 -16.86 17.06 9.39
CA VAL B 212 -16.08 18.02 10.17
C VAL B 212 -14.85 17.28 10.71
N LEU B 213 -15.02 16.02 11.10
CA LEU B 213 -13.91 15.22 11.59
C LEU B 213 -12.86 15.02 10.48
N MET B 214 -13.30 14.84 9.25
CA MET B 214 -12.36 14.67 8.13
C MET B 214 -11.53 15.93 8.00
N TRP B 215 -12.18 17.07 8.21
CA TRP B 215 -11.50 18.35 8.13
C TRP B 215 -10.41 18.46 9.22
N GLU B 216 -10.75 18.14 10.46
CA GLU B 216 -9.77 18.20 11.55
C GLU B 216 -8.54 17.35 11.23
N VAL B 217 -8.77 16.17 10.64
CA VAL B 217 -7.72 15.22 10.28
C VAL B 217 -6.83 15.72 9.15
N PHE B 218 -7.44 16.11 8.03
CA PHE B 218 -6.66 16.62 6.91
C PHE B 218 -5.96 17.92 7.25
N SER B 219 -6.50 18.68 8.21
CA SER B 219 -5.88 19.93 8.62
C SER B 219 -4.90 19.66 9.77
N GLU B 220 -4.76 18.38 10.12
CA GLU B 220 -3.84 17.95 11.18
C GLU B 220 -4.10 18.55 12.57
N GLY B 221 -5.35 18.48 13.01
CA GLY B 221 -5.71 18.96 14.33
C GLY B 221 -6.12 20.41 14.54
N LYS B 222 -6.34 21.17 13.48
CA LYS B 222 -6.75 22.56 13.67
C LYS B 222 -8.15 22.59 14.26
N ILE B 223 -8.50 23.71 14.87
CA ILE B 223 -9.82 23.87 15.48
C ILE B 223 -10.83 24.45 14.47
N PRO B 224 -11.94 23.73 14.22
CA PRO B 224 -12.94 24.22 13.26
C PRO B 224 -13.58 25.53 13.74
N TYR B 225 -13.69 26.52 12.85
CA TYR B 225 -14.29 27.80 13.20
C TYR B 225 -13.65 28.28 14.51
N GLU B 226 -12.33 28.43 14.50
CA GLU B 226 -11.60 28.82 15.69
C GLU B 226 -12.09 30.02 16.48
N ASN B 227 -12.07 31.21 15.92
CA ASN B 227 -12.52 32.39 16.67
C ASN B 227 -14.01 32.40 17.01
N ARG B 228 -14.81 31.87 16.08
CA ARG B 228 -16.25 31.84 16.14
C ARG B 228 -17.05 31.44 17.37
N SER B 229 -18.07 32.25 17.70
CA SER B 229 -18.96 31.99 18.82
C SER B 229 -20.03 31.03 18.28
N ASN B 230 -20.87 30.48 19.15
CA ASN B 230 -21.89 29.54 18.69
C ASN B 230 -22.88 30.19 17.75
N SER B 231 -23.30 31.41 18.09
CA SER B 231 -24.27 32.12 17.26
C SER B 231 -23.66 32.47 15.93
N GLU B 232 -22.35 32.67 15.90
CA GLU B 232 -21.67 32.99 14.65
C GLU B 232 -21.57 31.75 13.78
N VAL B 233 -21.23 30.62 14.39
CA VAL B 233 -21.11 29.38 13.63
C VAL B 233 -22.49 29.02 13.11
N VAL B 234 -23.51 29.20 13.95
CA VAL B 234 -24.85 28.89 13.51
C VAL B 234 -25.21 29.77 12.29
N GLU B 235 -24.98 31.07 12.41
CA GLU B 235 -25.32 31.97 11.32
C GLU B 235 -24.52 31.73 10.04
N ASP B 236 -23.20 31.58 10.16
CA ASP B 236 -22.36 31.34 8.98
C ASP B 236 -22.76 30.08 8.24
N ILE B 237 -22.92 28.98 8.98
CA ILE B 237 -23.30 27.71 8.37
C ILE B 237 -24.63 27.81 7.62
N SER B 238 -25.63 28.41 8.27
CA SER B 238 -26.96 28.55 7.69
C SER B 238 -26.98 29.38 6.41
N THR B 239 -26.02 30.29 6.26
CA THR B 239 -25.97 31.12 5.06
C THR B 239 -25.07 30.47 4.03
N GLY B 240 -24.63 29.24 4.33
CA GLY B 240 -23.79 28.50 3.38
C GLY B 240 -22.30 28.38 3.60
N PHE B 241 -21.78 28.95 4.69
CA PHE B 241 -20.35 28.87 4.98
C PHE B 241 -19.95 27.42 5.19
N ARG B 242 -18.75 27.07 4.74
CA ARG B 242 -18.23 25.73 4.91
C ARG B 242 -16.72 25.85 5.14
N LEU B 243 -16.19 25.05 6.07
CA LEU B 243 -14.76 25.06 6.37
C LEU B 243 -13.96 24.94 5.06
N TYR B 244 -12.85 25.65 5.00
CA TYR B 244 -11.97 25.66 3.83
C TYR B 244 -11.29 24.31 3.60
N LYS B 245 -10.66 24.16 2.45
CA LYS B 245 -9.97 22.93 2.12
C LYS B 245 -8.53 22.98 2.61
N PRO B 246 -8.17 22.07 3.53
CA PRO B 246 -6.79 22.06 4.04
C PRO B 246 -5.88 21.66 2.87
N ARG B 247 -4.65 22.15 2.86
CA ARG B 247 -3.73 21.85 1.76
C ARG B 247 -3.59 20.36 1.49
N LEU B 248 -3.49 19.55 2.55
CA LEU B 248 -3.30 18.12 2.38
C LEU B 248 -4.53 17.35 1.85
N ALA B 249 -5.63 18.06 1.63
CA ALA B 249 -6.83 17.41 1.12
C ALA B 249 -7.00 17.69 -0.37
N SER B 250 -7.25 16.63 -1.14
CA SER B 250 -7.44 16.74 -2.57
C SER B 250 -8.83 17.29 -2.87
N THR B 251 -9.03 17.76 -4.09
CA THR B 251 -10.32 18.27 -4.50
C THR B 251 -11.39 17.18 -4.35
N HIS B 252 -11.00 15.93 -4.52
CA HIS B 252 -11.92 14.82 -4.38
C HIS B 252 -12.27 14.62 -2.90
N VAL B 253 -11.28 14.73 -2.04
CA VAL B 253 -11.51 14.60 -0.60
C VAL B 253 -12.43 15.73 -0.13
N TYR B 254 -12.19 16.93 -0.64
CA TYR B 254 -13.00 18.10 -0.30
C TYR B 254 -14.45 17.99 -0.80
N GLN B 255 -14.67 17.26 -1.89
CA GLN B 255 -16.02 17.10 -2.41
C GLN B 255 -16.81 16.27 -1.41
N ILE B 256 -16.18 15.21 -0.92
CA ILE B 256 -16.81 14.34 0.05
C ILE B 256 -17.15 15.09 1.35
N MET B 257 -16.24 15.95 1.80
CA MET B 257 -16.47 16.76 3.01
C MET B 257 -17.71 17.61 2.79
N ASN B 258 -17.80 18.24 1.63
CA ASN B 258 -18.96 19.07 1.32
C ASN B 258 -20.25 18.29 1.14
N HIS B 259 -20.15 17.03 0.73
CA HIS B 259 -21.34 16.20 0.58
C HIS B 259 -21.88 15.94 1.98
N CYS B 260 -20.97 15.74 2.93
CA CYS B 260 -21.33 15.49 4.33
C CYS B 260 -21.98 16.73 4.94
N TRP B 261 -21.67 17.89 4.33
CA TRP B 261 -22.20 19.15 4.80
C TRP B 261 -23.39 19.70 4.02
N LYS B 262 -24.12 18.84 3.32
CA LYS B 262 -25.30 19.28 2.61
C LYS B 262 -26.29 19.76 3.68
N GLU B 263 -26.97 20.88 3.44
CA GLU B 263 -27.92 21.42 4.41
C GLU B 263 -29.06 20.44 4.70
N ARG B 264 -29.44 19.65 3.71
CA ARG B 264 -30.51 18.66 3.92
C ARG B 264 -29.93 17.29 4.21
N PRO B 265 -30.32 16.68 5.34
CA PRO B 265 -29.82 15.36 5.72
C PRO B 265 -30.03 14.29 4.64
N GLU B 266 -31.16 14.38 3.95
CA GLU B 266 -31.49 13.43 2.88
C GLU B 266 -30.47 13.53 1.74
N ASP B 267 -29.80 14.67 1.62
CA ASP B 267 -28.82 14.84 0.55
C ASP B 267 -27.43 14.40 0.95
N ARG B 268 -27.24 14.14 2.24
CA ARG B 268 -25.93 13.69 2.68
C ARG B 268 -25.83 12.19 2.44
N PRO B 269 -24.65 11.71 2.03
CA PRO B 269 -24.49 10.26 1.78
C PRO B 269 -24.53 9.45 3.08
N ALA B 270 -24.94 8.18 2.99
CA ALA B 270 -24.97 7.32 4.16
C ALA B 270 -23.52 6.88 4.44
N PHE B 271 -23.20 6.55 5.70
CA PHE B 271 -21.84 6.09 6.01
C PHE B 271 -21.47 4.89 5.13
N SER B 272 -22.44 4.03 4.85
CA SER B 272 -22.17 2.86 4.01
C SER B 272 -21.74 3.33 2.62
N ARG B 273 -22.23 4.50 2.18
CA ARG B 273 -21.85 5.03 0.88
C ARG B 273 -20.49 5.70 0.99
N LEU B 274 -20.32 6.50 2.05
CA LEU B 274 -19.05 7.18 2.31
C LEU B 274 -17.88 6.21 2.33
N LEU B 275 -18.10 5.01 2.86
CA LEU B 275 -17.05 4.02 2.94
C LEU B 275 -16.49 3.67 1.54
N ARG B 276 -17.39 3.37 0.59
CA ARG B 276 -16.95 3.04 -0.76
C ARG B 276 -16.28 4.25 -1.42
N GLN B 277 -16.91 5.41 -1.27
CA GLN B 277 -16.37 6.64 -1.84
C GLN B 277 -14.97 6.91 -1.31
N LEU B 278 -14.76 6.76 -0.01
CA LEU B 278 -13.43 6.98 0.57
C LEU B 278 -12.45 5.93 0.06
N ALA B 279 -12.86 4.66 0.06
CA ALA B 279 -11.98 3.60 -0.44
C ALA B 279 -11.63 3.87 -1.91
N GLU B 280 -12.61 4.33 -2.69
CA GLU B 280 -12.40 4.62 -4.10
C GLU B 280 -11.32 5.69 -4.28
N ILE B 281 -11.34 6.70 -3.42
CA ILE B 281 -10.37 7.79 -3.47
C ILE B 281 -8.99 7.29 -3.06
N ALA B 282 -8.94 6.36 -2.10
CA ALA B 282 -7.69 5.80 -1.64
C ALA B 282 -6.95 5.02 -2.74
C1 PQC C . 19.18 -19.86 -21.70
C2 PQC C . 18.20 -20.47 -20.64
C3 PQC C . 18.53 -19.33 -22.99
C4 PQC C . 17.21 -19.60 -23.36
C5 PQC C . 16.78 -19.01 -24.58
S6 PQC C . 19.22 -18.34 -24.16
C7 PQC C . 17.82 -18.27 -25.14
C8 PQC C . 17.81 -17.50 -26.45
C9 PQC C . 18.96 -16.71 -26.79
C10 PQC C . 16.72 -17.53 -27.38
C11 PQC C . 16.76 -16.80 -28.60
C12 PQC C . 17.91 -16.04 -28.90
C13 PQC C . 16.40 -20.50 -22.49
C14 PQC C . 16.87 -20.96 -21.22
C15 PQC C . 16.01 -21.86 -20.52
N16 PQC C . 14.82 -22.23 -21.06
N17 PQC C . 15.18 -20.92 -22.96
C18 PQC C . 14.40 -21.76 -22.26
N19 PQC C . 13.14 -22.16 -22.77
C20 PQC C . 12.44 -21.79 -23.98
C21 PQC C . 12.83 -20.72 -24.85
C22 PQC C . 11.27 -22.53 -24.36
C23 PQC C . 10.51 -22.23 -25.53
C24 PQC C . 10.92 -21.16 -26.37
C25 PQC C . 12.10 -20.39 -26.04
S26 PQC C . 12.65 -19.00 -27.03
O27 PQC C . 11.58 -18.01 -26.94
O28 PQC C . 13.21 -19.44 -28.29
N29 PQC C . 14.01 -18.27 -26.22
C30 PQC C . 19.01 -15.98 -28.00
C1 L7O D . -0.61 9.34 27.50
N1 L7O D . -1.34 9.90 26.32
O1 L7O D . -7.19 4.32 25.78
C2 L7O D . 0.76 10.09 27.63
N2 L7O D . -6.98 6.85 26.32
O2 L7O D . -7.76 8.98 26.59
C3 L7O D . 1.59 10.00 26.31
N3 L7O D . -9.46 4.06 25.93
C4 L7O D . 0.75 10.44 25.08
N4 L7O D . -15.59 5.91 25.98
C5 L7O D . -0.61 9.69 25.04
N5 L7O D . -14.59 7.78 27.10
C6 L7O D . -4.40 7.69 26.07
N6 L7O D . -13.19 6.02 26.31
C7 L7O D . -6.82 8.19 26.43
C8 L7O D . -10.72 4.62 26.17
C9 L7O D . -10.81 6.05 26.51
C10 L7O D . -9.58 6.85 26.63
C11 L7O D . -8.30 6.22 26.32
C12 L7O D . -8.31 4.78 25.99
C13 L7O D . -13.52 8.45 27.60
C14 L7O D . -14.43 6.56 26.49
C15 L7O D . -12.09 6.68 26.80
C16 L7O D . -12.21 7.95 27.46
C17 L7O D . -5.44 8.64 26.34
C18 L7O D . -5.10 10.01 26.64
C19 L7O D . -3.74 10.44 26.59
C20 L7O D . -2.70 9.49 26.33
C21 L7O D . -3.05 8.12 26.02
C22 L7O D . -15.34 4.55 25.49
#